data_5R68
#
_entry.id   5R68
#
_cell.length_a   44.880
_cell.length_b   46.810
_cell.length_c   58.340
_cell.angle_alpha   67.390
_cell.angle_beta   68.460
_cell.angle_gamma   69.570
#
_symmetry.space_group_name_H-M   'P 1'
#
loop_
_entity.id
_entity.type
_entity.pdbx_description
1 polymer 'YEATS domain-containing protein 4'
2 non-polymer 1,2-ETHANEDIOL
3 non-polymer (1-methylbenzotriazol-5-yl)methanol
4 water water
#
_entity_poly.entity_id   1
_entity_poly.type   'polypeptide(L)'
_entity_poly.pdbx_seq_one_letter_code
;MGVTIVKPIVYGNVARYFGKKREEDGHTHQWTVYVKPYRNEDMSAYVKKIQFKLHESYGNPLRVVTKPPYEITETGWGEF
EIIIKIFFIDPNERPVTLYHLLKLFQSDTNAMLGKKTVVSEFYDEMIFQDPTAMMQQLLTTSRQLTLGAYKHETEFAELE
VKTREKLEAAKKKTAHHHHHH
;
_entity_poly.pdbx_strand_id   B,A
#
loop_
_chem_comp.id
_chem_comp.type
_chem_comp.name
_chem_comp.formula
EDO non-polymer 1,2-ETHANEDIOL 'C2 H6 O2'
RYD non-polymer (1-methylbenzotriazol-5-yl)methanol 'C8 H9 N3 O'
#
# COMPACT_ATOMS: atom_id res chain seq x y z
N GLY A 2 14.66 -26.58 -20.74
CA GLY A 2 13.31 -26.49 -20.21
C GLY A 2 12.86 -25.05 -20.03
N VAL A 3 11.68 -24.88 -19.46
CA VAL A 3 11.06 -23.53 -19.26
C VAL A 3 10.97 -23.29 -17.75
N THR A 4 11.47 -22.16 -17.27
CA THR A 4 11.32 -21.71 -15.86
C THR A 4 10.61 -20.36 -15.85
N ILE A 5 9.42 -20.29 -15.24
CA ILE A 5 8.70 -19.01 -15.13
C ILE A 5 8.74 -18.66 -13.63
N VAL A 6 9.30 -17.50 -13.35
CA VAL A 6 9.46 -16.97 -11.96
C VAL A 6 8.42 -15.89 -11.80
N LYS A 7 7.55 -15.98 -10.80
CA LYS A 7 6.55 -14.93 -10.52
C LYS A 7 6.94 -14.33 -9.18
N PRO A 8 7.59 -13.15 -9.16
CA PRO A 8 7.98 -12.52 -7.92
C PRO A 8 6.72 -12.00 -7.22
N ILE A 9 6.76 -12.07 -5.89
CA ILE A 9 5.66 -11.67 -5.01
C ILE A 9 6.25 -10.94 -3.79
N VAL A 10 5.36 -10.20 -3.14
CA VAL A 10 5.64 -9.64 -1.81
C VAL A 10 4.48 -10.06 -0.92
N TYR A 11 4.81 -10.34 0.34
CA TYR A 11 3.74 -10.79 1.28
C TYR A 11 4.10 -10.17 2.62
N GLY A 12 3.11 -10.07 3.48
CA GLY A 12 3.38 -9.61 4.86
C GLY A 12 2.20 -8.85 5.39
N ASN A 13 2.44 -7.79 6.15
CA ASN A 13 1.31 -7.04 6.72
C ASN A 13 1.71 -5.59 6.94
N VAL A 14 0.69 -4.76 6.97
CA VAL A 14 0.76 -3.37 7.50
C VAL A 14 -0.11 -3.30 8.76
N ALA A 15 0.22 -2.40 9.67
CA ALA A 15 -0.64 -2.25 10.86
C ALA A 15 -0.68 -0.77 11.24
N ARG A 16 -1.81 -0.41 11.81
CA ARG A 16 -2.21 0.94 12.30
C ARG A 16 -2.66 0.82 13.77
N TYR A 17 -1.98 1.49 14.69
CA TYR A 17 -2.39 1.61 16.12
C TYR A 17 -3.61 2.54 16.21
N PHE A 18 -4.63 2.12 16.95
CA PHE A 18 -5.89 2.87 17.15
C PHE A 18 -5.65 4.28 17.71
N GLY A 19 -4.64 4.43 18.56
CA GLY A 19 -4.35 5.66 19.32
C GLY A 19 -4.56 5.41 20.80
N LYS A 20 -5.57 4.59 21.10
CA LYS A 20 -5.91 4.07 22.46
C LYS A 20 -6.29 2.59 22.31
N LYS A 21 -6.10 1.79 23.36
CA LYS A 21 -6.73 0.45 23.49
C LYS A 21 -8.25 0.63 23.43
N ARG A 22 -8.99 -0.33 22.87
CA ARG A 22 -10.46 -0.26 22.68
C ARG A 22 -11.16 -1.05 23.79
N GLU A 23 -12.00 -0.36 24.60
CA GLU A 23 -12.56 -0.86 25.89
C GLU A 23 -13.32 -2.17 25.67
N GLU A 24 -14.24 -2.21 24.69
CA GLU A 24 -15.26 -3.29 24.53
C GLU A 24 -14.65 -4.63 24.11
N ASP A 25 -13.43 -4.67 23.53
CA ASP A 25 -12.78 -5.94 23.08
C ASP A 25 -11.26 -5.95 23.34
N GLY A 26 -10.67 -4.83 23.76
CA GLY A 26 -9.23 -4.74 24.03
C GLY A 26 -8.37 -4.82 22.78
N HIS A 27 -8.94 -4.74 21.56
CA HIS A 27 -8.16 -4.57 20.31
C HIS A 27 -7.42 -3.24 20.34
N THR A 28 -6.20 -3.18 19.79
CA THR A 28 -5.33 -2.00 19.77
C THR A 28 -5.03 -1.60 18.32
N HIS A 29 -5.20 -2.53 17.37
CA HIS A 29 -4.64 -2.32 16.03
C HIS A 29 -5.63 -2.79 14.98
N GLN A 30 -5.60 -2.11 13.84
CA GLN A 30 -6.10 -2.65 12.56
C GLN A 30 -4.88 -3.12 11.77
N TRP A 31 -5.04 -4.26 11.11
CA TRP A 31 -3.94 -4.80 10.27
C TRP A 31 -4.53 -5.41 9.01
N THR A 32 -3.66 -5.47 8.02
CA THR A 32 -4.00 -6.14 6.73
C THR A 32 -2.81 -7.00 6.35
N VAL A 33 -3.08 -8.27 6.16
CA VAL A 33 -2.08 -9.27 5.70
C VAL A 33 -2.40 -9.52 4.22
N TYR A 34 -1.38 -9.63 3.41
CA TYR A 34 -1.61 -9.69 1.93
C TYR A 34 -0.52 -10.50 1.25
N VAL A 35 -0.84 -10.90 0.01
CA VAL A 35 0.16 -11.29 -1.01
C VAL A 35 -0.13 -10.41 -2.22
N LYS A 36 0.91 -9.97 -2.89
CA LYS A 36 0.71 -9.16 -4.09
C LYS A 36 1.89 -9.39 -4.99
N PRO A 37 1.66 -9.24 -6.29
CA PRO A 37 2.73 -9.45 -7.25
C PRO A 37 3.71 -8.29 -7.12
N TYR A 38 4.98 -8.53 -7.42
CA TYR A 38 6.06 -7.52 -7.35
C TYR A 38 5.79 -6.41 -8.34
N ARG A 39 5.40 -6.80 -9.56
CA ARG A 39 4.98 -5.88 -10.65
C ARG A 39 3.45 -6.01 -10.81
N ASN A 40 2.81 -4.96 -11.32
CA ASN A 40 1.33 -4.94 -11.44
C ASN A 40 0.95 -6.05 -12.43
N GLU A 41 0.26 -7.06 -11.96
CA GLU A 41 -0.37 -8.10 -12.82
C GLU A 41 -1.61 -8.55 -12.08
N ASP A 42 -2.57 -9.14 -12.79
CA ASP A 42 -3.71 -9.84 -12.17
C ASP A 42 -3.31 -11.31 -11.96
N MET A 43 -3.04 -11.69 -10.72
CA MET A 43 -2.59 -13.06 -10.43
C MET A 43 -3.76 -14.05 -10.64
N SER A 44 -5.02 -13.61 -10.69
CA SER A 44 -6.19 -14.52 -10.86
C SER A 44 -6.20 -15.16 -12.27
N ALA A 45 -5.32 -14.69 -13.15
CA ALA A 45 -5.00 -15.38 -14.43
C ALA A 45 -4.55 -16.82 -14.17
N TYR A 46 -3.80 -17.05 -13.08
CA TYR A 46 -3.14 -18.36 -12.81
C TYR A 46 -3.36 -18.85 -11.38
N VAL A 47 -3.79 -17.98 -10.45
CA VAL A 47 -4.03 -18.37 -9.02
C VAL A 47 -5.53 -18.66 -8.84
N LYS A 48 -5.83 -19.85 -8.35
CA LYS A 48 -7.23 -20.24 -8.05
C LYS A 48 -7.69 -19.49 -6.78
N LYS A 49 -6.91 -19.59 -5.73
CA LYS A 49 -7.32 -19.05 -4.40
C LYS A 49 -6.08 -18.88 -3.55
N ILE A 50 -6.17 -17.98 -2.56
CA ILE A 50 -5.14 -17.80 -1.52
C ILE A 50 -5.85 -17.93 -0.18
N GLN A 51 -5.36 -18.86 0.62
CA GLN A 51 -5.84 -19.10 2.00
C GLN A 51 -4.92 -18.34 2.96
N PHE A 52 -5.55 -17.68 3.92
CA PHE A 52 -4.89 -16.98 5.04
C PHE A 52 -5.36 -17.68 6.31
N LYS A 53 -4.49 -18.44 6.95
CA LYS A 53 -4.86 -19.13 8.21
C LYS A 53 -4.43 -18.25 9.39
N LEU A 54 -5.40 -17.73 10.12
CA LEU A 54 -5.22 -16.87 11.32
C LEU A 54 -5.09 -17.75 12.57
N HIS A 55 -4.67 -17.14 13.65
CA HIS A 55 -4.70 -17.79 15.00
C HIS A 55 -6.13 -18.30 15.26
N GLU A 56 -6.20 -19.51 15.78
CA GLU A 56 -7.48 -20.25 15.95
C GLU A 56 -8.43 -19.52 16.91
N SER A 57 -7.98 -18.47 17.60
CA SER A 57 -8.87 -17.71 18.52
C SER A 57 -9.70 -16.71 17.70
N TYR A 58 -9.33 -16.44 16.44
CA TYR A 58 -10.20 -15.74 15.47
C TYR A 58 -11.33 -16.66 15.05
N GLY A 59 -12.51 -16.08 14.79
CA GLY A 59 -13.63 -16.77 14.14
C GLY A 59 -13.34 -17.00 12.67
N ASN A 60 -13.72 -18.14 12.13
CA ASN A 60 -13.46 -18.50 10.71
C ASN A 60 -11.99 -18.19 10.45
N PRO A 61 -11.06 -18.81 11.23
CA PRO A 61 -9.63 -18.49 11.13
C PRO A 61 -9.03 -18.88 9.76
N LEU A 62 -9.68 -19.77 8.99
CA LEU A 62 -9.22 -20.09 7.60
C LEU A 62 -9.96 -19.16 6.63
N ARG A 63 -9.30 -18.09 6.22
CA ARG A 63 -9.88 -17.03 5.36
C ARG A 63 -9.42 -17.32 3.95
N VAL A 64 -10.31 -17.16 2.98
CA VAL A 64 -10.03 -17.53 1.57
C VAL A 64 -10.29 -16.29 0.72
N VAL A 65 -9.41 -15.97 -0.20
CA VAL A 65 -9.61 -14.88 -1.19
C VAL A 65 -9.38 -15.46 -2.59
N THR A 66 -10.24 -15.14 -3.52
CA THR A 66 -10.17 -15.65 -4.91
C THR A 66 -10.00 -14.57 -5.94
N LYS A 67 -10.13 -13.30 -5.55
CA LYS A 67 -10.20 -12.12 -6.42
C LYS A 67 -9.24 -11.11 -5.81
N PRO A 68 -8.36 -10.53 -6.62
CA PRO A 68 -7.45 -9.53 -6.08
C PRO A 68 -8.26 -8.32 -5.65
N PRO A 69 -7.80 -7.57 -4.62
CA PRO A 69 -6.52 -7.82 -3.97
C PRO A 69 -6.60 -8.99 -2.97
N TYR A 70 -5.47 -9.70 -2.87
CA TYR A 70 -5.33 -10.88 -2.01
C TYR A 70 -4.94 -10.39 -0.62
N GLU A 71 -5.95 -10.00 0.14
CA GLU A 71 -5.67 -9.48 1.49
C GLU A 71 -6.85 -9.71 2.42
N ILE A 72 -6.51 -9.69 3.72
CA ILE A 72 -7.47 -9.87 4.83
C ILE A 72 -7.19 -8.72 5.78
N THR A 73 -8.26 -8.01 6.17
CA THR A 73 -8.17 -6.86 7.10
C THR A 73 -8.88 -7.30 8.37
N GLU A 74 -8.24 -7.10 9.52
CA GLU A 74 -8.78 -7.51 10.82
C GLU A 74 -8.38 -6.48 11.86
N THR A 75 -8.92 -6.64 13.07
CA THR A 75 -8.39 -5.91 14.22
C THR A 75 -7.95 -6.95 15.25
N GLY A 76 -7.09 -6.51 16.16
CA GLY A 76 -6.75 -7.29 17.34
C GLY A 76 -5.69 -6.62 18.16
N TRP A 77 -5.06 -7.43 19.01
CA TRP A 77 -4.12 -6.99 20.06
C TRP A 77 -2.89 -7.88 19.98
N GLY A 78 -2.97 -8.97 19.20
CA GLY A 78 -2.00 -10.09 19.23
C GLY A 78 -1.14 -10.18 17.98
N GLU A 79 0.06 -10.75 18.12
CA GLU A 79 1.01 -11.08 17.03
C GLU A 79 1.19 -12.59 17.01
N PHE A 80 1.13 -13.17 15.81
CA PHE A 80 1.14 -14.64 15.66
C PHE A 80 1.43 -15.00 14.22
N GLU A 81 1.75 -16.26 13.94
CA GLU A 81 2.08 -16.58 12.52
C GLU A 81 0.75 -16.75 11.78
N ILE A 82 0.71 -16.24 10.56
CA ILE A 82 -0.38 -16.49 9.62
C ILE A 82 0.23 -17.36 8.54
N ILE A 83 -0.43 -18.45 8.20
CA ILE A 83 -0.02 -19.36 7.11
C ILE A 83 -0.83 -18.96 5.87
N ILE A 84 -0.08 -18.64 4.82
CA ILE A 84 -0.60 -18.10 3.54
C ILE A 84 -0.33 -19.20 2.53
N LYS A 85 -1.38 -19.73 1.94
CA LYS A 85 -1.24 -20.84 0.98
C LYS A 85 -1.88 -20.45 -0.34
N ILE A 86 -1.09 -20.53 -1.39
CA ILE A 86 -1.44 -20.06 -2.75
C ILE A 86 -1.68 -21.30 -3.59
N PHE A 87 -2.87 -21.39 -4.15
CA PHE A 87 -3.28 -22.57 -4.95
C PHE A 87 -3.39 -22.11 -6.39
N PHE A 88 -3.03 -22.97 -7.35
CA PHE A 88 -2.98 -22.58 -8.78
C PHE A 88 -4.15 -23.20 -9.53
N ILE A 89 -4.42 -22.62 -10.69
CA ILE A 89 -5.53 -23.05 -11.57
C ILE A 89 -5.21 -24.44 -12.16
N ASP A 90 -3.95 -24.71 -12.47
CA ASP A 90 -3.50 -26.09 -12.81
C ASP A 90 -3.36 -26.87 -11.51
N PRO A 91 -4.24 -27.86 -11.28
CA PRO A 91 -4.22 -28.58 -10.01
C PRO A 91 -2.95 -29.44 -9.85
N ASN A 92 -2.15 -29.56 -10.91
CA ASN A 92 -0.88 -30.34 -10.86
C ASN A 92 0.28 -29.43 -10.44
N GLU A 93 0.07 -28.12 -10.35
CA GLU A 93 1.09 -27.19 -9.83
C GLU A 93 0.94 -27.16 -8.31
N ARG A 94 2.00 -27.57 -7.63
CA ARG A 94 2.07 -27.71 -6.16
C ARG A 94 1.77 -26.34 -5.56
N PRO A 95 0.82 -26.23 -4.61
CA PRO A 95 0.63 -24.99 -3.88
C PRO A 95 1.90 -24.43 -3.18
N VAL A 96 1.97 -23.12 -3.10
CA VAL A 96 3.07 -22.39 -2.39
C VAL A 96 2.56 -22.05 -1.01
N THR A 97 3.36 -22.38 0.02
CA THR A 97 3.01 -22.10 1.41
C THR A 97 3.97 -21.06 1.95
N LEU A 98 3.45 -19.96 2.46
CA LEU A 98 4.28 -18.92 3.07
C LEU A 98 3.89 -18.83 4.54
N TYR A 99 4.83 -18.32 5.34
CA TYR A 99 4.72 -18.23 6.80
C TYR A 99 5.06 -16.79 7.17
N HIS A 100 4.16 -16.08 7.84
CA HIS A 100 4.34 -14.64 8.15
C HIS A 100 3.98 -14.33 9.58
N LEU A 101 4.90 -13.76 10.31
CA LEU A 101 4.62 -13.32 11.70
C LEU A 101 3.98 -11.93 11.61
N LEU A 102 2.72 -11.83 12.02
CA LEU A 102 1.98 -10.57 12.04
C LEU A 102 2.73 -9.63 12.98
N LYS A 103 3.00 -8.44 12.47
CA LYS A 103 3.75 -7.41 13.20
C LYS A 103 2.82 -6.25 13.48
N LEU A 104 2.67 -5.90 14.75
CA LEU A 104 1.80 -4.74 15.11
C LEU A 104 2.63 -3.56 15.61
N PHE A 105 3.80 -3.81 16.18
CA PHE A 105 4.62 -2.78 16.87
C PHE A 105 5.98 -2.68 16.17
N GLN A 106 6.67 -1.54 16.30
CA GLN A 106 8.13 -1.39 16.07
C GLN A 106 8.85 -2.71 16.34
N LYS A 115 1.40 7.36 14.29
CA LYS A 115 2.45 8.11 13.54
C LYS A 115 2.85 7.31 12.29
N LYS A 116 3.92 6.50 12.33
CA LYS A 116 4.43 5.75 11.15
C LYS A 116 3.69 4.39 11.08
N THR A 117 3.12 4.07 9.91
CA THR A 117 2.48 2.75 9.61
C THR A 117 3.53 1.64 9.83
N VAL A 118 3.15 0.58 10.55
CA VAL A 118 4.02 -0.60 10.79
C VAL A 118 3.92 -1.48 9.54
N VAL A 119 5.08 -1.87 9.01
CA VAL A 119 5.12 -2.73 7.80
C VAL A 119 6.15 -3.82 8.04
N SER A 120 5.78 -5.05 7.67
CA SER A 120 6.70 -6.19 7.66
C SER A 120 6.38 -6.94 6.38
N GLU A 121 7.23 -6.76 5.37
CA GLU A 121 6.90 -7.31 4.03
C GLU A 121 8.14 -7.97 3.45
N PHE A 122 7.92 -9.16 2.84
CA PHE A 122 9.00 -10.05 2.42
C PHE A 122 8.83 -10.26 0.92
N TYR A 123 9.94 -10.45 0.26
CA TYR A 123 9.96 -10.78 -1.18
C TYR A 123 10.04 -12.27 -1.29
N ASP A 124 9.39 -12.84 -2.32
CA ASP A 124 9.62 -14.25 -2.61
C ASP A 124 9.33 -14.49 -4.10
N GLU A 125 9.55 -15.70 -4.56
CA GLU A 125 9.38 -16.03 -5.99
C GLU A 125 8.66 -17.38 -6.05
N MET A 126 7.61 -17.42 -6.83
CA MET A 126 6.93 -18.67 -7.19
C MET A 126 7.53 -19.15 -8.52
N ILE A 127 8.15 -20.32 -8.47
CA ILE A 127 8.93 -20.92 -9.59
C ILE A 127 8.14 -22.05 -10.20
N PHE A 128 7.83 -21.89 -11.47
CA PHE A 128 7.08 -22.90 -12.26
C PHE A 128 8.06 -23.54 -13.24
N GLN A 129 8.44 -24.80 -12.96
CA GLN A 129 9.47 -25.54 -13.74
C GLN A 129 8.69 -26.42 -14.70
N ASP A 130 8.81 -26.15 -16.00
CA ASP A 130 8.17 -26.95 -17.09
C ASP A 130 6.67 -27.05 -16.84
N PRO A 131 5.93 -25.93 -16.81
CA PRO A 131 4.47 -26.00 -16.74
C PRO A 131 3.84 -26.49 -18.05
N THR A 132 2.61 -26.98 -17.98
CA THR A 132 1.82 -27.33 -19.18
C THR A 132 1.88 -26.12 -20.08
N ALA A 133 1.68 -26.29 -21.39
CA ALA A 133 1.58 -25.17 -22.34
C ALA A 133 0.43 -24.21 -21.95
N MET A 134 -0.71 -24.73 -21.51
CA MET A 134 -1.90 -23.89 -21.14
C MET A 134 -1.54 -22.99 -19.93
N MET A 135 -0.89 -23.57 -18.94
CA MET A 135 -0.46 -22.83 -17.72
C MET A 135 0.62 -21.79 -18.08
N GLN A 136 1.52 -22.13 -19.02
CA GLN A 136 2.52 -21.18 -19.59
C GLN A 136 1.84 -19.93 -20.14
N GLN A 137 0.80 -20.07 -20.97
CA GLN A 137 0.04 -18.92 -21.55
C GLN A 137 -0.48 -18.04 -20.42
N LEU A 138 -1.07 -18.66 -19.40
CA LEU A 138 -1.71 -18.01 -18.23
C LEU A 138 -0.64 -17.29 -17.42
N LEU A 139 0.58 -17.86 -17.30
CA LEU A 139 1.67 -17.23 -16.50
C LEU A 139 2.32 -16.07 -17.29
N THR A 140 2.15 -16.04 -18.61
CA THR A 140 2.72 -14.97 -19.45
C THR A 140 1.55 -14.32 -20.20
N GLY B 2 -18.35 26.31 17.66
CA GLY B 2 -17.44 26.10 16.55
C GLY B 2 -17.59 24.71 15.96
N VAL B 3 -17.18 24.61 14.70
CA VAL B 3 -17.21 23.36 13.89
C VAL B 3 -15.75 23.02 13.62
N THR B 4 -15.30 21.82 14.00
CA THR B 4 -13.96 21.29 13.64
C THR B 4 -14.18 20.03 12.81
N ILE B 5 -13.72 20.02 11.56
CA ILE B 5 -13.84 18.80 10.73
C ILE B 5 -12.41 18.27 10.57
N VAL B 6 -12.19 17.02 10.93
CA VAL B 6 -10.85 16.37 10.85
C VAL B 6 -10.93 15.37 9.70
N LYS B 7 -9.99 15.47 8.76
CA LYS B 7 -9.90 14.54 7.61
C LYS B 7 -8.57 13.80 7.76
N PRO B 8 -8.58 12.58 8.34
CA PRO B 8 -7.37 11.80 8.54
C PRO B 8 -6.82 11.36 7.19
N ILE B 9 -5.50 11.38 7.09
CA ILE B 9 -4.81 10.96 5.83
C ILE B 9 -3.60 10.09 6.19
N VAL B 10 -3.13 9.40 5.18
CA VAL B 10 -1.77 8.82 5.24
C VAL B 10 -1.06 9.25 3.99
N TYR B 11 0.25 9.46 4.13
CA TYR B 11 1.09 9.86 2.97
C TYR B 11 2.44 9.19 3.12
N GLY B 12 3.20 9.19 2.04
CA GLY B 12 4.60 8.78 2.08
C GLY B 12 4.93 8.12 0.78
N ASN B 13 5.58 6.96 0.82
CA ASN B 13 5.96 6.31 -0.44
C ASN B 13 6.11 4.81 -0.25
N VAL B 14 5.96 4.11 -1.36
CA VAL B 14 6.42 2.72 -1.49
C VAL B 14 7.56 2.71 -2.52
N ALA B 15 8.37 1.66 -2.49
CA ALA B 15 9.46 1.49 -3.47
C ALA B 15 9.76 0.01 -3.63
N ARG B 16 10.28 -0.33 -4.80
N ARG B 16 10.18 -0.36 -4.83
CA ARG B 16 10.76 -1.70 -5.11
CA ARG B 16 10.75 -1.71 -5.11
C ARG B 16 12.09 -1.56 -5.84
C ARG B 16 12.11 -1.53 -5.78
N TYR B 17 13.03 -2.45 -5.52
CA TYR B 17 14.36 -2.53 -6.17
C TYR B 17 14.20 -3.17 -7.56
N PHE B 18 14.81 -2.58 -8.58
CA PHE B 18 14.84 -3.12 -9.97
C PHE B 18 15.46 -4.52 -9.94
N GLY B 19 16.44 -4.72 -9.05
CA GLY B 19 17.23 -5.97 -8.92
C GLY B 19 18.61 -5.73 -9.48
N LYS B 20 18.68 -5.06 -10.63
CA LYS B 20 19.93 -4.58 -11.29
C LYS B 20 19.86 -3.06 -11.39
N LYS B 21 20.94 -2.34 -11.08
CA LYS B 21 21.12 -0.94 -11.53
C LYS B 21 20.91 -0.93 -13.05
N ARG B 22 20.05 -0.05 -13.56
CA ARG B 22 19.73 0.04 -15.01
C ARG B 22 20.86 0.81 -15.71
N GLU B 23 21.50 0.21 -16.72
CA GLU B 23 22.74 0.75 -17.36
C GLU B 23 22.49 2.16 -17.90
N GLU B 24 21.39 2.33 -18.63
CA GLU B 24 21.10 3.52 -19.46
C GLU B 24 21.06 4.80 -18.61
N ASP B 25 20.47 4.75 -17.41
CA ASP B 25 20.29 5.98 -16.57
C ASP B 25 20.76 5.77 -15.12
N GLY B 26 21.14 4.57 -14.73
CA GLY B 26 21.61 4.29 -13.36
C GLY B 26 20.50 4.34 -12.34
N HIS B 27 19.24 4.31 -12.77
CA HIS B 27 18.09 4.10 -11.85
C HIS B 27 18.14 2.70 -11.26
N THR B 28 17.74 2.58 -10.00
CA THR B 28 17.80 1.33 -9.22
C THR B 28 16.41 0.99 -8.69
N HIS B 29 15.48 1.94 -8.65
CA HIS B 29 14.17 1.73 -8.00
C HIS B 29 13.05 2.34 -8.79
N GLN B 30 11.86 1.74 -8.63
CA GLN B 30 10.58 2.38 -8.95
C GLN B 30 9.95 2.76 -7.60
N TRP B 31 9.35 3.93 -7.56
CA TRP B 31 8.69 4.40 -6.33
C TRP B 31 7.40 5.13 -6.67
N THR B 32 6.52 5.16 -5.67
CA THR B 32 5.25 5.90 -5.77
C THR B 32 5.08 6.72 -4.50
N VAL B 33 4.97 8.02 -4.69
CA VAL B 33 4.73 8.93 -3.57
C VAL B 33 3.22 9.23 -3.59
N TYR B 34 2.58 9.33 -2.43
CA TYR B 34 1.12 9.47 -2.42
C TYR B 34 0.58 10.16 -1.18
N VAL B 35 -0.65 10.64 -1.31
CA VAL B 35 -1.53 11.00 -0.16
C VAL B 35 -2.80 10.19 -0.35
N LYS B 36 -3.34 9.59 0.71
CA LYS B 36 -4.67 9.04 0.54
C LYS B 36 -5.41 9.21 1.85
N PRO B 37 -6.75 9.22 1.76
CA PRO B 37 -7.57 9.32 2.95
C PRO B 37 -7.41 8.07 3.80
N TYR B 38 -7.50 8.24 5.11
CA TYR B 38 -7.35 7.13 6.08
C TYR B 38 -8.50 6.14 5.92
N ARG B 39 -9.72 6.63 5.75
CA ARG B 39 -10.87 5.77 5.40
C ARG B 39 -11.24 6.07 3.96
N ASN B 40 -11.96 5.17 3.31
CA ASN B 40 -12.32 5.27 1.87
C ASN B 40 -13.25 6.48 1.68
N GLU B 41 -12.75 7.58 1.15
CA GLU B 41 -13.57 8.71 0.63
C GLU B 41 -12.95 9.20 -0.68
N ASP B 42 -13.71 9.92 -1.49
CA ASP B 42 -13.19 10.62 -2.68
C ASP B 42 -12.79 12.01 -2.22
N MET B 43 -11.49 12.30 -2.11
CA MET B 43 -11.06 13.61 -1.54
C MET B 43 -11.33 14.73 -2.56
N SER B 44 -11.57 14.39 -3.84
CA SER B 44 -11.81 15.41 -4.89
C SER B 44 -13.13 16.17 -4.64
N ALA B 45 -13.98 15.69 -3.74
CA ALA B 45 -15.17 16.42 -3.25
C ALA B 45 -14.73 17.79 -2.71
N TYR B 46 -13.54 17.89 -2.08
CA TYR B 46 -13.10 19.12 -1.39
C TYR B 46 -11.68 19.55 -1.72
N VAL B 47 -10.89 18.66 -2.33
CA VAL B 47 -9.49 18.93 -2.71
C VAL B 47 -9.50 19.34 -4.18
N LYS B 48 -8.89 20.49 -4.46
CA LYS B 48 -8.76 21.00 -5.85
C LYS B 48 -7.61 20.28 -6.56
N LYS B 49 -6.45 20.20 -5.90
CA LYS B 49 -5.23 19.61 -6.47
C LYS B 49 -4.27 19.28 -5.34
N ILE B 50 -3.37 18.33 -5.64
CA ILE B 50 -2.20 18.06 -4.77
C ILE B 50 -0.96 18.16 -5.65
N GLN B 51 -0.05 18.98 -5.19
CA GLN B 51 1.27 19.17 -5.82
C GLN B 51 2.27 18.27 -5.10
N PHE B 52 3.14 17.65 -5.88
CA PHE B 52 4.26 16.81 -5.42
C PHE B 52 5.54 17.43 -6.01
N LYS B 53 6.32 18.11 -5.18
CA LYS B 53 7.56 18.76 -5.63
C LYS B 53 8.72 17.78 -5.44
N LEU B 54 9.28 17.35 -6.55
CA LEU B 54 10.43 16.39 -6.60
C LEU B 54 11.74 17.19 -6.55
N HIS B 55 12.86 16.52 -6.35
CA HIS B 55 14.23 17.10 -6.53
C HIS B 55 14.31 17.76 -7.90
N GLU B 56 14.88 18.94 -7.92
CA GLU B 56 14.91 19.79 -9.15
C GLU B 56 15.63 19.10 -10.31
N SER B 57 16.29 17.96 -10.09
CA SER B 57 17.03 17.26 -11.15
C SER B 57 16.07 16.37 -11.95
N TYR B 58 14.84 16.18 -11.47
CA TYR B 58 13.73 15.61 -12.28
C TYR B 58 13.27 16.66 -13.29
N GLY B 59 12.85 16.24 -14.49
CA GLY B 59 12.12 17.10 -15.43
C GLY B 59 10.72 17.34 -14.91
N ASN B 60 10.18 18.56 -15.04
CA ASN B 60 8.85 18.94 -14.53
C ASN B 60 8.79 18.48 -13.08
N PRO B 61 9.72 18.95 -12.22
CA PRO B 61 9.80 18.48 -10.84
C PRO B 61 8.56 18.85 -10.02
N LEU B 62 7.75 19.83 -10.46
CA LEU B 62 6.46 20.18 -9.81
C LEU B 62 5.37 19.37 -10.50
N ARG B 63 4.99 18.27 -9.87
CA ARG B 63 3.99 17.37 -10.43
C ARG B 63 2.66 17.70 -9.76
N VAL B 64 1.57 17.60 -10.51
CA VAL B 64 0.21 17.95 -9.99
C VAL B 64 -0.72 16.80 -10.28
N VAL B 65 -1.58 16.45 -9.34
CA VAL B 65 -2.64 15.43 -9.50
C VAL B 65 -3.95 16.08 -9.03
N THR B 66 -5.03 15.89 -9.77
CA THR B 66 -6.32 16.53 -9.48
C THR B 66 -7.41 15.48 -9.29
N LYS B 67 -7.09 14.21 -9.57
CA LYS B 67 -8.10 13.12 -9.55
C LYS B 67 -7.44 11.99 -8.79
N PRO B 68 -8.15 11.38 -7.85
CA PRO B 68 -7.62 10.22 -7.15
C PRO B 68 -7.36 9.07 -8.13
N PRO B 69 -6.35 8.22 -7.87
CA PRO B 69 -5.45 8.39 -6.72
C PRO B 69 -4.42 9.52 -6.85
N TYR B 70 -4.14 10.13 -5.71
CA TYR B 70 -3.17 11.22 -5.58
C TYR B 70 -1.79 10.61 -5.38
N GLU B 71 -1.18 10.26 -6.48
CA GLU B 71 0.13 9.56 -6.46
C GLU B 71 0.94 9.90 -7.70
N ILE B 72 2.25 9.87 -7.53
CA ILE B 72 3.25 10.02 -8.60
C ILE B 72 4.14 8.78 -8.58
N THR B 73 4.26 8.07 -9.72
CA THR B 73 5.18 6.93 -9.87
C THR B 73 6.38 7.40 -10.71
N GLU B 74 7.57 7.13 -10.22
CA GLU B 74 8.83 7.54 -10.88
C GLU B 74 9.85 6.45 -10.71
N THR B 75 10.99 6.58 -11.40
CA THR B 75 12.16 5.73 -11.16
C THR B 75 13.29 6.66 -10.73
N GLY B 76 14.28 6.11 -10.08
CA GLY B 76 15.48 6.87 -9.73
C GLY B 76 16.39 6.04 -8.88
N TRP B 77 17.32 6.74 -8.29
CA TRP B 77 18.44 6.15 -7.55
C TRP B 77 18.58 6.87 -6.24
N GLY B 78 17.91 8.02 -6.08
CA GLY B 78 18.17 9.02 -5.02
C GLY B 78 17.03 9.10 -4.00
N GLU B 79 17.39 9.47 -2.76
CA GLU B 79 16.47 9.78 -1.64
C GLU B 79 16.56 11.29 -1.35
N PHE B 80 15.40 11.95 -1.22
CA PHE B 80 15.31 13.40 -1.06
C PHE B 80 13.90 13.73 -0.55
N GLU B 81 13.75 14.91 -0.01
CA GLU B 81 12.44 15.38 0.49
C GLU B 81 11.56 15.73 -0.71
N ILE B 82 10.33 15.24 -0.68
CA ILE B 82 9.23 15.67 -1.57
C ILE B 82 8.31 16.54 -0.74
N ILE B 83 8.01 17.71 -1.26
CA ILE B 83 7.00 18.61 -0.68
C ILE B 83 5.65 18.29 -1.31
N ILE B 84 4.72 18.00 -0.43
CA ILE B 84 3.32 17.64 -0.79
C ILE B 84 2.45 18.81 -0.35
N LYS B 85 1.78 19.44 -1.29
CA LYS B 85 0.93 20.60 -0.97
C LYS B 85 -0.49 20.30 -1.47
N ILE B 86 -1.44 20.41 -0.54
CA ILE B 86 -2.84 20.01 -0.80
C ILE B 86 -3.66 21.28 -0.80
N PHE B 87 -4.26 21.57 -1.94
CA PHE B 87 -5.01 22.81 -2.15
C PHE B 87 -6.48 22.44 -2.12
N PHE B 88 -7.32 23.31 -1.61
CA PHE B 88 -8.76 23.03 -1.39
C PHE B 88 -9.60 23.85 -2.37
N ILE B 89 -10.83 23.36 -2.60
CA ILE B 89 -11.76 23.99 -3.58
C ILE B 89 -12.18 25.35 -3.06
N ASP B 90 -12.36 25.50 -1.76
CA ASP B 90 -12.59 26.82 -1.14
C ASP B 90 -11.25 27.57 -1.07
N PRO B 91 -11.08 28.69 -1.80
CA PRO B 91 -9.77 29.33 -1.84
C PRO B 91 -9.54 30.07 -0.51
N ASN B 92 -10.51 30.17 0.36
CA ASN B 92 -10.36 30.78 1.72
C ASN B 92 -9.65 29.78 2.67
N GLU B 93 -9.57 28.51 2.29
CA GLU B 93 -8.94 27.45 3.13
C GLU B 93 -7.46 27.34 2.80
N ARG B 94 -6.60 27.59 3.80
CA ARG B 94 -5.13 27.49 3.67
C ARG B 94 -4.74 26.10 3.21
N PRO B 95 -3.94 25.97 2.12
CA PRO B 95 -3.34 24.71 1.75
C PRO B 95 -2.60 24.00 2.90
N VAL B 96 -2.57 22.68 2.81
CA VAL B 96 -1.81 21.84 3.77
C VAL B 96 -0.52 21.48 3.06
N THR B 97 0.61 21.69 3.76
CA THR B 97 1.95 21.33 3.24
C THR B 97 2.50 20.21 4.09
N LEU B 98 2.86 19.11 3.43
CA LEU B 98 3.52 17.97 4.09
C LEU B 98 4.94 17.84 3.50
N TYR B 99 5.82 17.24 4.27
CA TYR B 99 7.22 16.99 3.87
C TYR B 99 7.49 15.52 4.04
N HIS B 100 8.06 14.89 3.03
CA HIS B 100 8.29 13.44 3.06
C HIS B 100 9.65 13.13 2.48
N LEU B 101 10.47 12.45 3.27
CA LEU B 101 11.74 11.92 2.72
C LEU B 101 11.45 10.62 1.96
N LEU B 102 11.65 10.65 0.65
CA LEU B 102 11.54 9.46 -0.19
C LEU B 102 12.53 8.43 0.34
N LYS B 103 12.05 7.20 0.49
CA LYS B 103 12.83 6.10 1.08
C LYS B 103 12.90 4.98 0.07
N LEU B 104 14.13 4.64 -0.33
CA LEU B 104 14.34 3.52 -1.29
C LEU B 104 14.91 2.31 -0.56
N PHE B 105 15.57 2.49 0.60
CA PHE B 105 16.35 1.44 1.30
C PHE B 105 15.85 1.21 2.73
N LYS B 115 15.81 -5.10 2.51
CA LYS B 115 14.54 -5.44 1.82
C LYS B 115 14.65 -4.99 0.37
N LYS B 116 14.00 -5.72 -0.53
CA LYS B 116 13.79 -5.30 -1.94
C LYS B 116 12.72 -4.20 -2.02
N THR B 117 11.85 -4.08 -1.01
CA THR B 117 10.69 -3.15 -1.03
C THR B 117 10.68 -2.31 0.24
N VAL B 118 10.07 -1.13 0.14
CA VAL B 118 9.96 -0.15 1.25
C VAL B 118 8.53 0.33 1.30
N VAL B 119 8.00 0.46 2.52
CA VAL B 119 6.78 1.28 2.75
C VAL B 119 7.11 2.27 3.85
N SER B 120 7.11 3.56 3.50
CA SER B 120 7.42 4.68 4.42
C SER B 120 6.20 5.60 4.46
N GLU B 121 5.38 5.40 5.47
CA GLU B 121 3.98 5.91 5.47
C GLU B 121 3.63 6.46 6.83
N PHE B 122 3.08 7.67 6.80
CA PHE B 122 2.82 8.47 8.00
C PHE B 122 1.33 8.83 8.03
N TYR B 123 0.82 8.88 9.25
CA TYR B 123 -0.54 9.33 9.52
C TYR B 123 -0.52 10.83 9.73
N ASP B 124 -1.58 11.52 9.29
CA ASP B 124 -1.75 12.94 9.68
C ASP B 124 -3.23 13.30 9.58
N GLU B 125 -3.56 14.52 9.98
CA GLU B 125 -4.98 14.99 10.05
C GLU B 125 -5.03 16.39 9.46
N MET B 126 -5.84 16.58 8.44
CA MET B 126 -6.19 17.92 7.94
C MET B 126 -7.37 18.45 8.76
N ILE B 127 -7.17 19.56 9.48
CA ILE B 127 -8.13 20.14 10.46
C ILE B 127 -8.76 21.37 9.81
N PHE B 128 -10.06 21.32 9.65
CA PHE B 128 -10.84 22.46 9.11
C PHE B 128 -11.61 23.10 10.27
N GLN B 129 -11.22 24.30 10.69
CA GLN B 129 -11.79 25.00 11.88
C GLN B 129 -12.72 26.11 11.37
N ASP B 130 -14.02 26.02 11.69
CA ASP B 130 -15.06 26.98 11.24
C ASP B 130 -14.98 27.19 9.72
N PRO B 131 -15.07 26.14 8.89
CA PRO B 131 -15.08 26.36 7.44
C PRO B 131 -16.38 27.06 7.03
N THR B 132 -16.36 27.70 5.87
CA THR B 132 -17.58 28.25 5.23
C THR B 132 -18.62 27.12 5.21
N ALA B 133 -19.89 27.49 5.22
CA ALA B 133 -21.03 26.56 5.04
C ALA B 133 -20.82 25.68 3.81
N MET B 134 -20.24 26.26 2.73
CA MET B 134 -20.07 25.55 1.43
C MET B 134 -19.01 24.44 1.59
N MET B 135 -17.86 24.79 2.15
N MET B 135 -17.85 24.78 2.15
CA MET B 135 -16.76 23.82 2.40
CA MET B 135 -16.73 23.84 2.42
C MET B 135 -17.27 22.77 3.39
C MET B 135 -17.21 22.78 3.43
N GLN B 136 -17.89 23.21 4.48
CA GLN B 136 -18.47 22.29 5.50
C GLN B 136 -19.35 21.26 4.78
N GLN B 137 -20.10 21.68 3.77
CA GLN B 137 -20.90 20.77 2.91
C GLN B 137 -19.98 19.81 2.14
N LEU B 138 -18.99 20.35 1.43
CA LEU B 138 -18.08 19.51 0.61
C LEU B 138 -17.38 18.51 1.53
N LEU B 139 -16.96 18.94 2.73
CA LEU B 139 -16.22 18.05 3.69
C LEU B 139 -17.15 16.95 4.23
N THR B 140 -18.46 17.17 4.17
CA THR B 140 -19.47 16.14 4.49
C THR B 140 -20.42 16.05 3.28
C1 EDO C . 8.72 -16.71 9.87
O1 EDO C . 7.47 -17.34 10.15
C2 EDO C . 9.85 -17.67 9.73
O2 EDO C . 10.29 -18.20 10.97
N1 RYD D . -5.97 -10.38 18.53
C4 RYD D . -9.45 -11.85 18.20
C5 RYD D . -10.93 -11.63 17.84
C6 RYD D . -8.52 -10.77 18.29
C7 RYD D . -7.16 -11.13 18.50
O RYD D . -11.41 -10.79 18.83
C3 RYD D . -9.08 -13.18 18.40
C2 RYD D . -7.79 -13.53 18.61
C1 RYD D . -6.80 -12.47 18.64
N2 RYD D . -4.95 -11.18 18.63
N RYD D . -5.39 -12.47 18.72
C RYD D . -4.52 -13.62 18.86
C1 EDO E . 4.36 -24.19 -8.42
O1 EDO E . 5.04 -24.77 -9.53
C2 EDO E . 5.09 -23.00 -7.86
O2 EDO E . 6.18 -23.42 -7.07
C1 EDO F . -2.44 2.92 7.90
O1 EDO F . -3.37 2.68 8.96
C2 EDO F . -3.03 2.75 6.55
O2 EDO F . -2.19 2.04 5.64
C1 EDO G . 6.38 1.25 -6.62
O1 EDO G . 5.90 2.15 -7.58
C2 EDO G . 5.30 0.34 -6.20
O2 EDO G . 5.65 -1.00 -6.43
N1 RYD H . 17.03 9.73 -9.00
C4 RYD H . 16.34 11.54 -12.16
C5 RYD H . 15.69 11.52 -13.50
C6 RYD H . 16.44 10.40 -11.35
C7 RYD H . 16.91 10.59 -10.03
O RYD H . 16.60 10.75 -14.13
C3 RYD H . 16.74 12.76 -11.70
C2 RYD H . 17.19 12.94 -10.42
C1 RYD H . 17.27 11.86 -9.56
N2 RYD H . 17.41 10.36 -7.90
N RYD H . 17.56 11.70 -8.19
C RYD H . 17.86 12.72 -7.24
C1 EDO I . -6.84 22.32 6.61
O1 EDO I . -5.95 22.92 7.50
C2 EDO I . -7.67 23.33 5.88
O2 EDO I . -7.20 24.65 5.96
#